data_3PAH
#
_entry.id   3PAH
#
_cell.length_a   66.700
_cell.length_b   108.650
_cell.length_c   125.470
_cell.angle_alpha   90.00
_cell.angle_beta   90.00
_cell.angle_gamma   90.00
#
_symmetry.space_group_name_H-M   'C 2 2 21'
#
loop_
_entity.id
_entity.type
_entity.pdbx_description
1 polymer 'PHENYLALANINE HYDROXYLASE'
2 non-polymer 'FE (III) ION'
3 non-polymer 4-[(1S)-1-hydroxy-2-(methylamino)ethyl]benzene-1,2-diol
4 water water
#
_entity_poly.entity_id   1
_entity_poly.type   'polypeptide(L)'
_entity_poly.pdbx_seq_one_letter_code
;TVPWFPRTIQELDRFANQILSYGAELDADHPGFKDPVYRARRKQFADIAYNYRHGQPIPRVEYMEEEKKTWGTVFKTLKS
LYKTHACYEYNHIFPLLEKYCGFHEDNIPQLEDVSQFLQTCTGFRLRPVAGLLSSRDFLGGLAFRVFHCTQYIRHGSKPM
YTPEPDICHELLGHVPLFSDRSFAQFSQEIGLASLGAPDEYIEKLATIYWFTVEFGLCKQGDSIKAYGAGLLSSFGELQY
CLSEKPKLLPLELEKTAIQNYTVTEFQPLYYVAESFNDAKEKVRNFAATIPRPFSVRYDPYTQRIEVL
;
_entity_poly.pdbx_strand_id   A
#
loop_
_chem_comp.id
_chem_comp.type
_chem_comp.name
_chem_comp.formula
FE non-polymer 'FE (III) ION' 'Fe 3'
XDE non-polymer 4-[(1S)-1-hydroxy-2-(methylamino)ethyl]benzene-1,2-diol 'C9 H13 N O3'
#
# COMPACT_ATOMS: atom_id res chain seq x y z
N THR A 1 28.12 -6.71 -5.56
CA THR A 1 28.07 -7.30 -4.18
C THR A 1 26.67 -7.08 -3.54
N VAL A 2 26.35 -7.79 -2.44
CA VAL A 2 25.03 -7.66 -1.79
C VAL A 2 24.57 -6.22 -1.62
N PRO A 3 23.41 -5.90 -2.19
CA PRO A 3 22.91 -4.53 -2.07
C PRO A 3 22.68 -4.11 -0.62
N TRP A 4 22.90 -2.84 -0.33
CA TRP A 4 22.67 -2.34 1.02
C TRP A 4 21.20 -2.44 1.39
N PHE A 5 20.93 -2.73 2.66
CA PHE A 5 19.56 -2.74 3.17
C PHE A 5 19.58 -2.22 4.59
N PRO A 6 18.51 -1.55 5.04
CA PRO A 6 18.46 -1.02 6.41
C PRO A 6 18.46 -2.14 7.44
N ARG A 7 19.19 -1.93 8.54
CA ARG A 7 19.26 -2.92 9.63
C ARG A 7 18.49 -2.51 10.90
N THR A 8 18.09 -1.24 10.97
CA THR A 8 17.31 -0.74 12.09
C THR A 8 16.20 0.09 11.44
N ILE A 9 15.10 0.25 12.19
CA ILE A 9 13.99 1.00 11.68
C ILE A 9 14.37 2.44 11.37
N GLN A 10 15.32 3.02 12.12
CA GLN A 10 15.73 4.40 11.85
C GLN A 10 16.41 4.58 10.52
N GLU A 11 17.09 3.54 10.05
CA GLU A 11 17.80 3.65 8.78
C GLU A 11 16.88 3.85 7.57
N LEU A 12 15.58 3.64 7.74
CA LEU A 12 14.65 3.89 6.61
C LEU A 12 14.73 5.38 6.24
N ASP A 13 15.27 6.19 7.15
CA ASP A 13 15.38 7.62 6.86
C ASP A 13 16.27 7.84 5.65
N ARG A 14 17.18 6.92 5.42
CA ARG A 14 18.05 7.05 4.27
C ARG A 14 17.32 7.07 2.91
N PHE A 15 16.10 6.52 2.84
CA PHE A 15 15.29 6.51 1.59
C PHE A 15 14.88 7.83 0.93
N ALA A 16 14.64 8.89 1.72
CA ALA A 16 14.24 10.20 1.19
C ALA A 16 15.20 10.77 0.15
N ASN A 17 16.46 10.37 0.17
CA ASN A 17 17.44 10.91 -0.79
C ASN A 17 17.60 9.92 -1.94
N GLN A 18 16.59 9.06 -2.11
CA GLN A 18 16.61 8.03 -3.14
C GLN A 18 15.25 7.85 -3.83
N ILE A 19 14.45 8.90 -3.92
CA ILE A 19 13.18 8.83 -4.63
C ILE A 19 13.33 9.44 -6.03
N LEU A 20 12.32 9.20 -6.88
CA LEU A 20 12.30 9.77 -8.20
C LEU A 20 11.95 11.26 -7.98
N SER A 21 12.84 12.18 -8.34
CA SER A 21 12.65 13.63 -8.14
C SER A 21 11.63 14.30 -9.07
N TYR A 22 11.37 13.72 -10.21
CA TYR A 22 10.42 14.32 -11.12
C TYR A 22 9.12 13.50 -11.16
N GLY A 23 8.23 13.88 -10.24
CA GLY A 23 6.93 13.23 -10.07
C GLY A 23 5.92 13.31 -11.20
N ALA A 24 4.89 12.47 -11.07
CA ALA A 24 3.81 12.34 -12.05
C ALA A 24 3.05 13.63 -12.29
N GLU A 25 3.03 14.52 -11.30
CA GLU A 25 2.30 15.78 -11.42
C GLU A 25 2.96 16.67 -12.42
N LEU A 26 4.19 16.34 -12.81
CA LEU A 26 4.87 17.15 -13.83
C LEU A 26 4.56 16.68 -15.25
N ASP A 27 3.85 15.56 -15.42
CA ASP A 27 3.53 15.08 -16.79
C ASP A 27 2.34 15.80 -17.39
N ALA A 28 2.50 16.22 -18.65
CA ALA A 28 1.44 16.94 -19.37
C ALA A 28 0.15 16.14 -19.34
N ASP A 29 0.31 14.84 -19.12
CA ASP A 29 -0.80 13.92 -19.04
C ASP A 29 -1.61 13.97 -17.70
N HIS A 30 -0.99 14.51 -16.64
CA HIS A 30 -1.62 14.54 -15.32
C HIS A 30 -2.85 15.43 -15.19
N PRO A 31 -3.91 14.97 -14.51
CA PRO A 31 -5.08 15.82 -14.38
C PRO A 31 -4.78 17.23 -13.79
N GLY A 32 -3.72 17.39 -12.99
CA GLY A 32 -3.45 18.71 -12.41
C GLY A 32 -2.27 19.47 -13.00
N PHE A 33 -1.83 18.99 -14.15
CA PHE A 33 -0.68 19.56 -14.81
C PHE A 33 -0.77 21.08 -15.06
N LYS A 34 -1.90 21.56 -15.55
CA LYS A 34 -2.03 23.00 -15.84
C LYS A 34 -2.42 23.86 -14.65
N ASP A 35 -2.56 23.23 -13.49
CA ASP A 35 -2.99 23.90 -12.27
C ASP A 35 -1.80 24.24 -11.36
N PRO A 36 -1.33 25.50 -11.37
CA PRO A 36 -0.17 25.88 -10.54
C PRO A 36 -0.38 25.79 -9.02
N VAL A 37 -1.61 25.95 -8.56
CA VAL A 37 -1.95 25.83 -7.16
C VAL A 37 -1.74 24.35 -6.77
N TYR A 38 -2.21 23.44 -7.63
CA TYR A 38 -2.08 22.00 -7.34
C TYR A 38 -0.62 21.65 -7.29
N ARG A 39 0.10 22.18 -8.28
CA ARG A 39 1.52 21.97 -8.39
C ARG A 39 2.23 22.40 -7.11
N ALA A 40 1.93 23.61 -6.62
CA ALA A 40 2.55 24.11 -5.39
C ALA A 40 2.15 23.29 -4.16
N ARG A 41 0.90 22.81 -4.17
CA ARG A 41 0.37 22.03 -3.06
C ARG A 41 1.13 20.67 -2.98
N ARG A 42 1.41 20.07 -4.13
CA ARG A 42 2.14 18.79 -4.17
C ARG A 42 3.56 18.97 -3.64
N LYS A 43 4.17 20.12 -3.95
CA LYS A 43 5.54 20.44 -3.49
C LYS A 43 5.50 20.59 -1.99
N GLN A 44 4.42 21.16 -1.48
CA GLN A 44 4.28 21.34 -0.04
C GLN A 44 4.23 19.98 0.66
N PHE A 45 3.44 19.04 0.15
CA PHE A 45 3.45 17.73 0.76
C PHE A 45 4.80 17.04 0.57
N ALA A 46 5.45 17.25 -0.58
CA ALA A 46 6.76 16.59 -0.80
C ALA A 46 7.80 17.08 0.24
N ASP A 47 7.80 18.39 0.55
CA ASP A 47 8.74 18.92 1.53
C ASP A 47 8.44 18.34 2.91
N ILE A 48 7.18 18.16 3.26
CA ILE A 48 6.87 17.55 4.55
C ILE A 48 7.48 16.13 4.62
N ALA A 49 7.32 15.36 3.54
CA ALA A 49 7.85 14.00 3.53
C ALA A 49 9.37 13.99 3.54
N TYR A 50 9.95 14.90 2.79
CA TYR A 50 11.40 14.98 2.69
C TYR A 50 12.09 15.19 4.05
N ASN A 51 11.49 16.02 4.90
CA ASN A 51 12.06 16.38 6.20
C ASN A 51 11.63 15.52 7.33
N TYR A 52 10.76 14.58 7.05
CA TYR A 52 10.26 13.73 8.10
C TYR A 52 11.38 12.76 8.55
N ARG A 53 11.41 12.44 9.84
CA ARG A 53 12.38 11.49 10.36
C ARG A 53 11.69 10.54 11.27
N HIS A 54 12.14 9.29 11.21
CA HIS A 54 11.55 8.27 12.03
C HIS A 54 11.43 8.71 13.48
N GLY A 55 10.32 8.34 14.12
CA GLY A 55 10.11 8.74 15.49
C GLY A 55 9.35 10.06 15.65
N GLN A 56 9.35 10.95 14.66
CA GLN A 56 8.59 12.19 14.82
C GLN A 56 7.10 11.96 14.58
N PRO A 57 6.23 12.81 15.14
CA PRO A 57 4.80 12.59 14.86
C PRO A 57 4.68 13.08 13.38
N ILE A 58 3.74 12.56 12.61
CA ILE A 58 3.64 13.01 11.23
C ILE A 58 2.91 14.31 11.26
N PRO A 59 3.45 15.34 10.61
CA PRO A 59 2.83 16.66 10.60
C PRO A 59 1.35 16.66 10.19
N ARG A 60 0.51 17.44 10.88
CA ARG A 60 -0.90 17.52 10.55
C ARG A 60 -1.05 18.60 9.47
N VAL A 61 -1.96 18.42 8.53
CA VAL A 61 -2.14 19.39 7.47
C VAL A 61 -3.57 19.85 7.41
N GLU A 62 -3.78 21.14 7.16
CA GLU A 62 -5.15 21.61 7.06
C GLU A 62 -5.52 21.49 5.57
N TYR A 63 -6.42 20.58 5.25
CA TYR A 63 -6.83 20.39 3.86
C TYR A 63 -7.81 21.49 3.44
N MET A 64 -7.75 21.87 2.18
CA MET A 64 -8.65 22.88 1.65
C MET A 64 -10.02 22.31 1.38
N GLU A 65 -11.01 23.21 1.28
CA GLU A 65 -12.40 22.79 1.04
C GLU A 65 -12.46 21.98 -0.25
N GLU A 66 -11.73 22.40 -1.28
CA GLU A 66 -11.76 21.69 -2.53
C GLU A 66 -11.21 20.25 -2.38
N GLU A 67 -10.21 20.06 -1.53
CA GLU A 67 -9.62 18.75 -1.33
C GLU A 67 -10.58 17.87 -0.51
N LYS A 68 -11.26 18.46 0.48
CA LYS A 68 -12.21 17.69 1.30
C LYS A 68 -13.39 17.26 0.41
N LYS A 69 -13.74 18.10 -0.55
CA LYS A 69 -14.83 17.75 -1.45
C LYS A 69 -14.47 16.50 -2.27
N THR A 70 -13.24 16.45 -2.79
CA THR A 70 -12.79 15.32 -3.59
C THR A 70 -12.82 14.06 -2.73
N TRP A 71 -12.27 14.13 -1.53
CA TRP A 71 -12.30 13.01 -0.59
C TRP A 71 -13.73 12.52 -0.38
N GLY A 72 -14.63 13.47 -0.12
CA GLY A 72 -16.03 13.15 0.12
C GLY A 72 -16.68 12.37 -1.01
N THR A 73 -16.45 12.83 -2.23
CA THR A 73 -16.97 12.16 -3.41
C THR A 73 -16.46 10.72 -3.49
N VAL A 74 -15.15 10.54 -3.35
CA VAL A 74 -14.55 9.21 -3.43
C VAL A 74 -15.08 8.26 -2.34
N PHE A 75 -15.09 8.74 -1.11
CA PHE A 75 -15.54 8.01 0.05
C PHE A 75 -16.98 7.54 -0.10
N LYS A 76 -17.86 8.48 -0.47
CA LYS A 76 -19.27 8.14 -0.57
C LYS A 76 -19.57 7.16 -1.68
N THR A 77 -18.91 7.31 -2.81
CA THR A 77 -19.19 6.43 -3.92
C THR A 77 -18.65 4.99 -3.66
N LEU A 78 -17.44 4.87 -3.08
CA LEU A 78 -16.86 3.55 -2.81
C LEU A 78 -17.52 2.78 -1.66
N LYS A 79 -17.89 3.51 -0.60
CA LYS A 79 -18.45 2.91 0.60
C LYS A 79 -19.64 1.98 0.35
N SER A 80 -20.47 2.32 -0.62
CA SER A 80 -21.64 1.49 -0.94
C SER A 80 -21.27 0.08 -1.41
N LEU A 81 -20.03 -0.13 -1.84
CA LEU A 81 -19.64 -1.44 -2.35
C LEU A 81 -18.98 -2.38 -1.32
N TYR A 82 -18.48 -1.84 -0.22
CA TYR A 82 -17.69 -2.72 0.67
C TYR A 82 -18.39 -3.90 1.34
N LYS A 83 -19.61 -3.68 1.83
CA LYS A 83 -20.33 -4.76 2.52
C LYS A 83 -20.50 -5.97 1.59
N THR A 84 -20.67 -5.77 0.29
CA THR A 84 -20.84 -6.91 -0.62
C THR A 84 -19.59 -7.35 -1.40
N HIS A 85 -18.59 -6.47 -1.54
CA HIS A 85 -17.43 -6.83 -2.35
C HIS A 85 -16.10 -7.05 -1.62
N ALA A 86 -16.00 -6.57 -0.38
CA ALA A 86 -14.74 -6.66 0.33
C ALA A 86 -14.63 -7.85 1.22
N CYS A 87 -13.41 -8.33 1.36
CA CYS A 87 -13.14 -9.45 2.26
C CYS A 87 -13.54 -9.11 3.70
N TYR A 88 -13.87 -10.16 4.44
CA TYR A 88 -14.28 -10.01 5.83
C TYR A 88 -13.36 -9.12 6.68
N GLU A 89 -12.03 -9.31 6.58
CA GLU A 89 -11.14 -8.49 7.41
C GLU A 89 -11.36 -6.98 7.20
N TYR A 90 -11.68 -6.58 5.96
CA TYR A 90 -11.91 -5.14 5.67
C TYR A 90 -13.17 -4.64 6.40
N ASN A 91 -14.27 -5.36 6.23
CA ASN A 91 -15.53 -4.94 6.87
C ASN A 91 -15.51 -4.99 8.41
N HIS A 92 -14.71 -5.90 8.94
CA HIS A 92 -14.58 -6.04 10.39
C HIS A 92 -13.92 -4.76 10.97
N ILE A 93 -12.91 -4.22 10.29
CA ILE A 93 -12.25 -3.06 10.88
C ILE A 93 -12.84 -1.68 10.48
N PHE A 94 -13.53 -1.60 9.33
CA PHE A 94 -14.02 -0.29 8.85
C PHE A 94 -14.81 0.54 9.89
N PRO A 95 -15.77 -0.10 10.60
CA PRO A 95 -16.55 0.64 11.60
C PRO A 95 -15.63 1.28 12.64
N LEU A 96 -14.58 0.57 13.09
CA LEU A 96 -13.64 1.13 14.04
C LEU A 96 -12.85 2.32 13.46
N LEU A 97 -12.55 2.29 12.16
CA LEU A 97 -11.87 3.43 11.56
C LEU A 97 -12.83 4.66 11.54
N GLU A 98 -14.10 4.39 11.23
CA GLU A 98 -15.11 5.45 11.25
C GLU A 98 -15.22 6.07 12.67
N LYS A 99 -15.17 5.24 13.70
CA LYS A 99 -15.23 5.75 15.09
C LYS A 99 -13.96 6.36 15.68
N TYR A 100 -12.81 5.71 15.54
CA TYR A 100 -11.62 6.30 16.16
C TYR A 100 -10.75 7.08 15.25
N CYS A 101 -10.91 6.94 13.94
CA CYS A 101 -10.06 7.69 13.03
C CYS A 101 -10.71 8.74 12.18
N GLY A 102 -11.98 8.99 12.42
CA GLY A 102 -12.64 10.03 11.64
C GLY A 102 -12.82 9.73 10.18
N PHE A 103 -12.96 8.45 9.81
CA PHE A 103 -13.19 8.10 8.40
C PHE A 103 -14.65 8.53 8.17
N HIS A 104 -14.83 9.65 7.53
CA HIS A 104 -16.16 10.17 7.29
C HIS A 104 -15.98 11.08 6.10
N GLU A 105 -17.07 11.30 5.39
CA GLU A 105 -17.14 12.09 4.17
C GLU A 105 -16.71 13.52 4.29
N ASP A 106 -16.87 14.10 5.47
CA ASP A 106 -16.56 15.50 5.61
C ASP A 106 -15.19 15.80 6.12
N ASN A 107 -14.42 14.77 6.41
CA ASN A 107 -13.13 14.97 7.03
C ASN A 107 -12.05 14.09 6.44
N ILE A 108 -10.88 14.64 6.08
CA ILE A 108 -9.80 13.76 5.60
C ILE A 108 -9.02 13.37 6.84
N PRO A 109 -8.92 12.07 7.16
CA PRO A 109 -8.17 11.64 8.36
C PRO A 109 -6.70 12.07 8.30
N GLN A 110 -6.09 12.43 9.43
CA GLN A 110 -4.67 12.84 9.47
C GLN A 110 -3.85 11.55 9.65
N LEU A 111 -2.73 11.44 8.94
CA LEU A 111 -1.90 10.22 9.00
C LEU A 111 -1.41 9.88 10.40
N GLU A 112 -1.06 10.87 11.20
CA GLU A 112 -0.61 10.57 12.58
C GLU A 112 -1.67 9.77 13.36
N ASP A 113 -2.95 10.18 13.25
CA ASP A 113 -3.97 9.46 14.01
C ASP A 113 -4.13 8.04 13.45
N VAL A 114 -4.09 7.94 12.13
CA VAL A 114 -4.23 6.62 11.51
C VAL A 114 -3.03 5.75 11.90
N SER A 115 -1.83 6.33 11.86
CA SER A 115 -0.60 5.56 12.23
C SER A 115 -0.73 5.05 13.70
N GLN A 116 -1.14 5.93 14.62
CA GLN A 116 -1.31 5.49 16.02
C GLN A 116 -2.29 4.32 16.11
N PHE A 117 -3.38 4.40 15.34
CA PHE A 117 -4.39 3.33 15.35
C PHE A 117 -3.74 2.04 14.83
N LEU A 118 -3.02 2.10 13.70
CA LEU A 118 -2.38 0.87 13.22
C LEU A 118 -1.37 0.29 14.27
N GLN A 119 -0.62 1.16 14.93
CA GLN A 119 0.34 0.68 15.93
C GLN A 119 -0.36 -0.13 17.00
N THR A 120 -1.50 0.35 17.47
CA THR A 120 -2.25 -0.41 18.47
C THR A 120 -2.79 -1.72 17.96
N CYS A 121 -3.06 -1.82 16.66
CA CYS A 121 -3.61 -3.07 16.18
C CYS A 121 -2.59 -4.13 15.85
N THR A 122 -1.55 -3.74 15.10
CA THR A 122 -0.58 -4.72 14.61
C THR A 122 0.85 -4.20 14.68
N GLY A 123 1.06 -2.99 15.20
CA GLY A 123 2.40 -2.46 15.25
C GLY A 123 2.85 -1.83 13.91
N PHE A 124 1.95 -1.79 12.90
CA PHE A 124 2.30 -1.16 11.63
C PHE A 124 2.32 0.35 11.88
N ARG A 125 3.15 1.08 11.16
CA ARG A 125 3.13 2.51 11.30
C ARG A 125 3.23 3.12 9.91
N LEU A 126 2.86 4.37 9.74
CA LEU A 126 2.97 4.95 8.41
C LEU A 126 4.10 6.00 8.43
N ARG A 127 4.69 6.29 7.27
CA ARG A 127 5.56 7.44 7.18
C ARG A 127 5.19 8.04 5.81
N PRO A 128 5.13 9.37 5.75
CA PRO A 128 4.77 10.16 4.57
C PRO A 128 5.82 9.98 3.51
N VAL A 129 5.42 9.79 2.27
CA VAL A 129 6.43 9.61 1.26
C VAL A 129 6.28 10.67 0.22
N ALA A 130 7.42 11.27 -0.11
CA ALA A 130 7.47 12.34 -1.09
C ALA A 130 6.91 11.88 -2.43
N GLY A 131 7.81 11.21 -3.17
CA GLY A 131 7.51 10.70 -4.48
C GLY A 131 7.67 9.18 -4.59
N LEU A 132 8.09 8.72 -5.76
CA LEU A 132 8.17 7.29 -6.03
C LEU A 132 9.41 6.62 -5.50
N LEU A 133 9.24 5.64 -4.62
CA LEU A 133 10.40 4.91 -4.07
C LEU A 133 10.71 3.76 -4.99
N SER A 134 11.96 3.31 -5.05
CA SER A 134 12.24 2.11 -5.84
C SER A 134 11.47 0.92 -5.20
N SER A 135 11.25 -0.16 -5.94
CA SER A 135 10.55 -1.32 -5.35
C SER A 135 11.39 -1.84 -4.18
N ARG A 136 12.71 -1.83 -4.34
CA ARG A 136 13.58 -2.29 -3.24
C ARG A 136 13.33 -1.58 -1.90
N ASP A 137 13.30 -0.26 -1.92
CA ASP A 137 13.13 0.52 -0.70
C ASP A 137 11.70 0.42 -0.18
N PHE A 138 10.74 0.49 -1.09
CA PHE A 138 9.36 0.35 -0.67
C PHE A 138 9.10 -0.99 0.08
N LEU A 139 9.48 -2.10 -0.56
CA LEU A 139 9.28 -3.42 0.04
C LEU A 139 10.11 -3.57 1.31
N GLY A 140 11.34 -3.04 1.30
CA GLY A 140 12.17 -3.15 2.51
C GLY A 140 11.48 -2.52 3.75
N GLY A 141 10.72 -1.45 3.59
CA GLY A 141 10.07 -0.84 4.75
C GLY A 141 9.10 -1.81 5.41
N LEU A 142 8.42 -2.62 4.59
CA LEU A 142 7.46 -3.59 5.10
C LEU A 142 8.10 -4.59 6.12
N ALA A 143 9.39 -4.86 5.96
CA ALA A 143 10.09 -5.79 6.86
C ALA A 143 10.02 -5.28 8.31
N PHE A 144 9.92 -3.96 8.47
CA PHE A 144 9.83 -3.30 9.78
C PHE A 144 8.37 -2.93 10.13
N ARG A 145 7.42 -3.45 9.36
CA ARG A 145 6.02 -3.09 9.49
C ARG A 145 5.87 -1.56 9.34
N VAL A 146 6.55 -1.00 8.34
CA VAL A 146 6.44 0.41 8.04
C VAL A 146 5.86 0.55 6.60
N PHE A 147 4.74 1.28 6.49
CA PHE A 147 4.12 1.49 5.15
C PHE A 147 4.35 2.95 4.73
N HIS A 148 5.10 3.17 3.63
CA HIS A 148 5.33 4.53 3.10
C HIS A 148 4.00 4.93 2.42
N CYS A 149 3.45 6.04 2.89
CA CYS A 149 2.09 6.48 2.55
C CYS A 149 2.01 7.88 1.98
N THR A 150 1.23 8.09 0.91
CA THR A 150 1.15 9.46 0.35
C THR A 150 0.18 10.29 1.18
N GLN A 151 0.41 11.59 1.23
CA GLN A 151 -0.44 12.43 2.06
C GLN A 151 -1.24 13.40 1.20
N TYR A 152 -0.81 13.58 -0.05
CA TYR A 152 -1.52 14.50 -0.93
C TYR A 152 -2.78 13.81 -1.52
N ILE A 153 -3.67 14.59 -2.16
CA ILE A 153 -4.86 14.02 -2.75
C ILE A 153 -4.83 14.26 -4.26
N ARG A 154 -5.57 13.44 -5.01
CA ARG A 154 -5.64 13.58 -6.45
C ARG A 154 -6.29 14.96 -6.79
N HIS A 155 -6.11 15.41 -8.03
CA HIS A 155 -6.66 16.71 -8.48
C HIS A 155 -8.20 16.63 -8.51
N GLY A 156 -8.88 17.70 -8.08
CA GLY A 156 -10.33 17.69 -8.01
C GLY A 156 -11.14 17.57 -9.28
N SER A 157 -10.49 17.76 -10.43
CA SER A 157 -11.21 17.71 -11.69
C SER A 157 -11.69 16.33 -12.06
N LYS A 158 -11.01 15.29 -11.57
CA LYS A 158 -11.40 13.92 -11.88
C LYS A 158 -11.34 13.12 -10.61
N PRO A 159 -12.32 13.30 -9.74
CA PRO A 159 -12.39 12.63 -8.46
C PRO A 159 -12.34 11.09 -8.47
N MET A 160 -12.82 10.47 -9.55
CA MET A 160 -12.85 9.01 -9.59
C MET A 160 -11.63 8.44 -10.30
N TYR A 161 -10.67 9.30 -10.60
CA TYR A 161 -9.47 8.88 -11.31
C TYR A 161 -8.15 9.37 -10.73
N THR A 162 -7.20 8.45 -10.61
CA THR A 162 -5.88 8.88 -10.21
C THR A 162 -4.85 7.99 -10.90
N PRO A 163 -3.82 8.61 -11.51
CA PRO A 163 -2.78 7.83 -12.21
C PRO A 163 -1.67 7.39 -11.27
N GLU A 164 -1.88 7.56 -9.97
CA GLU A 164 -0.85 7.26 -8.99
C GLU A 164 -1.54 7.09 -7.66
N PRO A 165 -0.81 6.60 -6.67
CA PRO A 165 -1.47 6.48 -5.37
C PRO A 165 -1.65 7.90 -4.83
N ASP A 166 -2.67 8.09 -4.01
CA ASP A 166 -2.91 9.37 -3.36
C ASP A 166 -3.54 8.97 -2.03
N ILE A 167 -3.91 9.94 -1.22
CA ILE A 167 -4.42 9.61 0.11
C ILE A 167 -5.70 8.78 0.15
N CYS A 168 -6.58 8.96 -0.85
CA CYS A 168 -7.81 8.18 -0.88
C CYS A 168 -7.44 6.70 -1.06
N HIS A 169 -6.52 6.42 -1.98
CA HIS A 169 -6.11 5.04 -2.21
C HIS A 169 -5.43 4.46 -0.95
N GLU A 170 -4.57 5.23 -0.28
CA GLU A 170 -3.90 4.69 0.92
C GLU A 170 -4.90 4.37 2.03
N LEU A 171 -5.73 5.35 2.38
CA LEU A 171 -6.69 5.14 3.50
C LEU A 171 -7.85 4.18 3.21
N LEU A 172 -8.46 4.23 2.03
CA LEU A 172 -9.57 3.32 1.80
C LEU A 172 -9.10 1.99 1.23
N GLY A 173 -7.92 1.99 0.60
CA GLY A 173 -7.43 0.75 0.04
C GLY A 173 -6.48 -0.06 0.90
N HIS A 174 -5.43 0.58 1.42
CA HIS A 174 -4.44 -0.16 2.20
C HIS A 174 -4.66 -0.28 3.71
N VAL A 175 -4.89 0.86 4.35
CA VAL A 175 -5.00 0.89 5.80
C VAL A 175 -5.85 -0.15 6.48
N PRO A 176 -7.07 -0.40 5.97
CA PRO A 176 -7.87 -1.39 6.69
C PRO A 176 -7.24 -2.80 6.81
N LEU A 177 -6.54 -3.24 5.78
CA LEU A 177 -5.93 -4.56 5.80
C LEU A 177 -4.71 -4.61 6.75
N PHE A 178 -3.97 -3.51 6.82
CA PHE A 178 -2.81 -3.48 7.74
C PHE A 178 -3.21 -3.55 9.22
N SER A 179 -4.50 -3.44 9.51
CA SER A 179 -4.99 -3.53 10.89
C SER A 179 -5.29 -4.95 11.25
N ASP A 180 -5.16 -5.83 10.27
CA ASP A 180 -5.38 -7.27 10.51
C ASP A 180 -4.05 -7.96 10.78
N ARG A 181 -3.98 -8.73 11.87
CA ARG A 181 -2.76 -9.38 12.25
C ARG A 181 -2.18 -10.33 11.22
N SER A 182 -3.01 -11.21 10.65
CA SER A 182 -2.46 -12.13 9.64
C SER A 182 -2.03 -11.39 8.39
N PHE A 183 -2.80 -10.37 7.95
CA PHE A 183 -2.37 -9.61 6.75
C PHE A 183 -1.03 -8.89 7.11
N ALA A 184 -0.94 -8.38 8.32
CA ALA A 184 0.29 -7.66 8.69
C ALA A 184 1.50 -8.57 8.60
N GLN A 185 1.36 -9.79 9.10
CA GLN A 185 2.48 -10.77 9.08
C GLN A 185 2.78 -11.15 7.63
N PHE A 186 1.73 -11.33 6.84
CA PHE A 186 1.94 -11.66 5.41
C PHE A 186 2.74 -10.54 4.67
N SER A 187 2.32 -9.28 4.81
CA SER A 187 3.02 -8.16 4.20
C SER A 187 4.47 -8.10 4.66
N GLN A 188 4.68 -8.26 5.97
CA GLN A 188 6.05 -8.24 6.52
C GLN A 188 6.98 -9.33 5.90
N GLU A 189 6.42 -10.50 5.62
CA GLU A 189 7.23 -11.60 5.03
C GLU A 189 7.73 -11.19 3.63
N ILE A 190 6.90 -10.45 2.88
CA ILE A 190 7.33 -9.97 1.56
C ILE A 190 8.52 -9.05 1.79
N GLY A 191 8.38 -8.18 2.78
CA GLY A 191 9.47 -7.27 3.08
C GLY A 191 10.75 -7.94 3.48
N LEU A 192 10.64 -8.94 4.37
CA LEU A 192 11.84 -9.66 4.82
C LEU A 192 12.51 -10.40 3.65
N ALA A 193 11.70 -10.97 2.76
CA ALA A 193 12.25 -11.68 1.59
C ALA A 193 13.03 -10.72 0.66
N SER A 194 12.67 -9.45 0.66
CA SER A 194 13.36 -8.50 -0.22
C SER A 194 14.77 -8.03 0.28
N LEU A 195 15.01 -8.09 1.57
CA LEU A 195 16.27 -7.55 2.08
C LEU A 195 17.55 -8.22 1.52
N GLY A 196 18.30 -7.41 0.79
CA GLY A 196 19.56 -7.89 0.20
C GLY A 196 19.36 -8.82 -1.00
N ALA A 197 18.11 -8.98 -1.45
CA ALA A 197 17.82 -9.83 -2.61
C ALA A 197 18.35 -9.17 -3.91
N PRO A 198 18.76 -9.99 -4.89
CA PRO A 198 19.26 -9.42 -6.16
C PRO A 198 18.11 -8.70 -6.88
N ASP A 199 18.46 -7.68 -7.66
CA ASP A 199 17.49 -6.88 -8.42
C ASP A 199 16.48 -7.74 -9.16
N GLU A 200 16.92 -8.81 -9.82
CA GLU A 200 15.89 -9.56 -10.54
C GLU A 200 14.85 -10.21 -9.63
N TYR A 201 15.21 -10.51 -8.38
CA TYR A 201 14.21 -11.08 -7.45
C TYR A 201 13.34 -10.02 -6.84
N ILE A 202 13.87 -8.81 -6.70
CA ILE A 202 13.04 -7.73 -6.16
C ILE A 202 11.87 -7.54 -7.16
N GLU A 203 12.13 -7.66 -8.47
CA GLU A 203 11.06 -7.45 -9.45
C GLU A 203 10.03 -8.59 -9.35
N LYS A 204 10.49 -9.79 -9.02
CA LYS A 204 9.54 -10.88 -8.81
C LYS A 204 8.71 -10.61 -7.53
N LEU A 205 9.34 -10.13 -6.45
CA LEU A 205 8.56 -9.83 -5.25
C LEU A 205 7.57 -8.63 -5.50
N ALA A 206 7.98 -7.66 -6.33
CA ALA A 206 7.13 -6.49 -6.65
C ALA A 206 5.88 -7.00 -7.40
N THR A 207 6.07 -8.01 -8.26
CA THR A 207 4.95 -8.58 -9.02
C THR A 207 4.02 -9.34 -8.06
N ILE A 208 4.61 -10.12 -7.17
CA ILE A 208 3.79 -10.83 -6.19
C ILE A 208 3.01 -9.79 -5.36
N TYR A 209 3.69 -8.72 -4.94
CA TYR A 209 3.00 -7.65 -4.19
C TYR A 209 1.80 -7.10 -5.01
N TRP A 210 2.05 -6.84 -6.29
CA TRP A 210 0.99 -6.34 -7.17
C TRP A 210 -0.19 -7.27 -7.20
N PHE A 211 0.05 -8.59 -7.32
CA PHE A 211 -1.08 -9.52 -7.39
C PHE A 211 -1.71 -9.95 -6.05
N THR A 212 -1.22 -9.38 -4.94
CA THR A 212 -1.79 -9.68 -3.59
C THR A 212 -2.21 -8.36 -2.93
N VAL A 213 -1.24 -7.65 -2.35
CA VAL A 213 -1.53 -6.37 -1.68
C VAL A 213 -2.32 -5.38 -2.56
N GLU A 214 -2.02 -5.31 -3.87
CA GLU A 214 -2.74 -4.35 -4.69
C GLU A 214 -3.95 -4.91 -5.42
N PHE A 215 -3.89 -6.14 -5.95
CA PHE A 215 -5.04 -6.68 -6.72
C PHE A 215 -5.50 -8.08 -6.33
N GLY A 216 -5.23 -8.43 -5.08
CA GLY A 216 -5.61 -9.74 -4.63
C GLY A 216 -7.09 -9.94 -4.30
N LEU A 217 -7.52 -11.20 -4.49
CA LEU A 217 -8.86 -11.69 -4.13
C LEU A 217 -8.71 -12.76 -3.02
N CYS A 218 -9.68 -12.85 -2.11
CA CYS A 218 -9.64 -13.84 -1.02
C CYS A 218 -10.72 -14.91 -1.21
N LYS A 219 -10.44 -16.13 -0.77
CA LYS A 219 -11.43 -17.22 -0.84
C LYS A 219 -12.07 -17.08 0.54
N GLN A 220 -13.38 -17.05 0.57
CA GLN A 220 -14.06 -16.84 1.83
C GLN A 220 -15.24 -17.80 1.83
N GLY A 221 -14.99 -19.00 2.35
CA GLY A 221 -16.01 -20.02 2.35
C GLY A 221 -16.12 -20.40 0.89
N ASP A 222 -17.33 -20.33 0.34
CA ASP A 222 -17.53 -20.68 -1.06
C ASP A 222 -17.52 -19.44 -1.95
N SER A 223 -17.36 -18.29 -1.31
CA SER A 223 -17.35 -17.02 -2.02
C SER A 223 -15.93 -16.46 -2.28
N ILE A 224 -15.88 -15.43 -3.10
CA ILE A 224 -14.63 -14.74 -3.47
C ILE A 224 -14.90 -13.26 -3.22
N LYS A 225 -13.99 -12.58 -2.53
CA LYS A 225 -14.14 -11.12 -2.26
C LYS A 225 -12.77 -10.44 -2.56
N ALA A 226 -12.76 -9.10 -2.53
CA ALA A 226 -11.51 -8.37 -2.81
C ALA A 226 -10.79 -7.91 -1.56
N TYR A 227 -9.49 -8.00 -1.56
CA TYR A 227 -8.72 -7.43 -0.45
C TYR A 227 -7.64 -6.50 -1.05
N GLY A 228 -7.43 -6.55 -2.38
CA GLY A 228 -6.40 -5.74 -3.02
C GLY A 228 -6.69 -4.21 -2.87
N ALA A 229 -5.69 -3.43 -2.43
CA ALA A 229 -5.88 -1.99 -2.22
C ALA A 229 -6.26 -1.27 -3.51
N GLY A 230 -5.72 -1.73 -4.64
CA GLY A 230 -6.01 -1.14 -5.94
C GLY A 230 -7.47 -1.40 -6.36
N LEU A 231 -8.02 -2.54 -5.94
CA LEU A 231 -9.42 -2.84 -6.23
C LEU A 231 -10.34 -2.04 -5.24
N LEU A 232 -9.97 -2.05 -3.96
CA LEU A 232 -10.82 -1.42 -2.95
C LEU A 232 -10.91 0.10 -3.12
N SER A 233 -10.02 0.67 -3.96
CA SER A 233 -10.04 2.11 -4.18
C SER A 233 -10.44 2.45 -5.60
N SER A 234 -10.91 1.47 -6.36
CA SER A 234 -11.32 1.71 -7.74
C SER A 234 -12.78 1.27 -7.91
N PHE A 235 -13.71 2.23 -7.99
CA PHE A 235 -15.14 1.85 -8.10
C PHE A 235 -15.45 0.91 -9.24
N GLY A 236 -14.85 1.18 -10.38
CA GLY A 236 -15.14 0.36 -11.55
C GLY A 236 -14.55 -1.04 -11.48
N GLU A 237 -13.27 -1.12 -11.14
CA GLU A 237 -12.66 -2.42 -11.10
C GLU A 237 -13.12 -3.28 -9.91
N LEU A 238 -13.53 -2.68 -8.78
CA LEU A 238 -13.98 -3.51 -7.67
C LEU A 238 -15.25 -4.30 -8.11
N GLN A 239 -16.12 -3.66 -8.91
CA GLN A 239 -17.33 -4.38 -9.38
C GLN A 239 -17.00 -5.38 -10.45
N TYR A 240 -16.05 -5.04 -11.30
CA TYR A 240 -15.65 -5.93 -12.39
C TYR A 240 -14.94 -7.21 -11.92
N CYS A 241 -14.09 -7.09 -10.85
CA CYS A 241 -13.27 -8.26 -10.40
C CYS A 241 -14.09 -9.43 -9.83
N LEU A 242 -15.33 -9.15 -9.44
CA LEU A 242 -16.20 -10.19 -8.91
C LEU A 242 -17.34 -10.58 -9.91
N SER A 243 -17.22 -10.14 -11.16
CA SER A 243 -18.19 -10.53 -12.22
C SER A 243 -17.61 -11.75 -12.94
N GLU A 244 -18.28 -12.17 -14.01
CA GLU A 244 -17.84 -13.35 -14.74
C GLU A 244 -16.73 -13.06 -15.70
N LYS A 245 -16.40 -11.80 -15.89
CA LYS A 245 -15.39 -11.50 -16.91
C LYS A 245 -13.92 -11.91 -16.70
N PRO A 246 -13.29 -11.57 -15.56
CA PRO A 246 -11.88 -11.96 -15.40
C PRO A 246 -11.58 -13.44 -15.17
N LYS A 247 -10.36 -13.85 -15.45
CA LYS A 247 -9.93 -15.24 -15.20
C LYS A 247 -9.33 -15.24 -13.81
N LEU A 248 -9.71 -16.21 -13.00
CA LEU A 248 -9.19 -16.32 -11.64
C LEU A 248 -8.31 -17.56 -11.50
N LEU A 249 -7.15 -17.42 -10.89
CA LEU A 249 -6.25 -18.56 -10.71
C LEU A 249 -5.86 -18.62 -9.26
N PRO A 250 -5.52 -19.82 -8.78
CA PRO A 250 -5.12 -19.87 -7.37
C PRO A 250 -3.71 -19.26 -7.28
N LEU A 251 -3.47 -18.61 -6.17
CA LEU A 251 -2.16 -18.03 -5.90
C LEU A 251 -1.13 -19.22 -5.85
N GLU A 252 -0.12 -19.15 -6.72
CA GLU A 252 0.97 -20.15 -6.83
C GLU A 252 2.14 -19.23 -7.14
N LEU A 253 3.03 -19.01 -6.19
CA LEU A 253 4.04 -17.99 -6.39
C LEU A 253 5.04 -18.12 -7.53
N GLU A 254 5.43 -19.33 -7.84
CA GLU A 254 6.39 -19.58 -8.93
C GLU A 254 5.74 -19.01 -10.24
N LYS A 255 4.42 -19.05 -10.32
CA LYS A 255 3.66 -18.59 -11.47
C LYS A 255 3.31 -17.05 -11.36
N THR A 256 2.78 -16.67 -10.20
CA THR A 256 2.44 -15.27 -10.00
C THR A 256 3.67 -14.34 -10.20
N ALA A 257 4.83 -14.74 -9.68
CA ALA A 257 6.06 -13.93 -9.73
C ALA A 257 6.47 -13.45 -11.12
N ILE A 258 6.08 -14.20 -12.15
CA ILE A 258 6.48 -13.79 -13.49
C ILE A 258 5.36 -13.37 -14.40
N GLN A 259 4.14 -13.30 -13.86
CA GLN A 259 3.00 -12.90 -14.66
C GLN A 259 3.10 -11.43 -15.05
N ASN A 260 2.77 -11.08 -16.29
CA ASN A 260 2.78 -9.68 -16.70
C ASN A 260 1.46 -9.01 -16.31
N TYR A 261 1.47 -7.70 -16.12
CA TYR A 261 0.22 -7.03 -15.77
C TYR A 261 0.20 -5.65 -16.41
N THR A 262 -0.98 -5.07 -16.56
CA THR A 262 -1.16 -3.71 -17.12
C THR A 262 -1.41 -2.74 -15.98
N VAL A 263 -0.91 -1.50 -16.06
CA VAL A 263 -1.20 -0.56 -14.98
C VAL A 263 -2.26 0.40 -15.44
N THR A 264 -2.67 0.28 -16.71
CA THR A 264 -3.65 1.20 -17.25
C THR A 264 -5.05 0.68 -17.59
N GLU A 265 -5.33 -0.61 -17.43
CA GLU A 265 -6.69 -1.08 -17.72
C GLU A 265 -7.07 -2.04 -16.62
N PHE A 266 -8.32 -2.47 -16.56
CA PHE A 266 -8.70 -3.46 -15.55
C PHE A 266 -7.85 -4.71 -15.78
N GLN A 267 -7.45 -5.40 -14.69
CA GLN A 267 -6.68 -6.63 -14.82
C GLN A 267 -7.50 -7.75 -15.50
N PRO A 268 -6.93 -8.43 -16.50
CA PRO A 268 -7.60 -9.54 -17.19
C PRO A 268 -7.63 -10.81 -16.32
N LEU A 269 -6.74 -10.85 -15.32
CA LEU A 269 -6.69 -12.01 -14.45
C LEU A 269 -6.26 -11.66 -13.02
N TYR A 270 -6.76 -12.42 -12.05
CA TYR A 270 -6.44 -12.18 -10.65
C TYR A 270 -6.13 -13.49 -10.00
N TYR A 271 -5.32 -13.42 -8.94
CA TYR A 271 -4.97 -14.59 -8.13
C TYR A 271 -5.76 -14.58 -6.86
N VAL A 272 -6.29 -15.76 -6.49
CA VAL A 272 -7.10 -15.91 -5.29
C VAL A 272 -6.30 -16.53 -4.15
N ALA A 273 -6.19 -15.83 -3.02
CA ALA A 273 -5.47 -16.31 -1.83
C ALA A 273 -6.41 -17.15 -0.97
N GLU A 274 -5.92 -18.28 -0.45
CA GLU A 274 -6.77 -19.13 0.42
C GLU A 274 -7.03 -18.40 1.70
N SER A 275 -5.99 -17.73 2.20
CA SER A 275 -6.12 -16.91 3.43
C SER A 275 -4.78 -16.20 3.50
N PHE A 276 -4.70 -15.19 4.37
CA PHE A 276 -3.47 -14.45 4.51
C PHE A 276 -2.39 -15.32 5.19
N ASN A 277 -2.81 -16.25 6.08
CA ASN A 277 -1.83 -17.13 6.73
C ASN A 277 -1.18 -18.00 5.68
N ASP A 278 -2.01 -18.48 4.75
CA ASP A 278 -1.50 -19.35 3.71
C ASP A 278 -0.57 -18.60 2.75
N ALA A 279 -0.97 -17.38 2.40
CA ALA A 279 -0.16 -16.57 1.48
C ALA A 279 1.18 -16.31 2.16
N LYS A 280 1.14 -16.11 3.48
CA LYS A 280 2.35 -15.85 4.24
C LYS A 280 3.30 -17.03 4.16
N GLU A 281 2.73 -18.24 4.28
CA GLU A 281 3.53 -19.46 4.20
C GLU A 281 4.15 -19.62 2.84
N LYS A 282 3.39 -19.33 1.78
CA LYS A 282 3.90 -19.42 0.41
C LYS A 282 5.05 -18.42 0.14
N VAL A 283 4.91 -17.21 0.66
CA VAL A 283 5.98 -16.26 0.47
C VAL A 283 7.27 -16.75 1.19
N ARG A 284 7.09 -17.27 2.40
CA ARG A 284 8.24 -17.74 3.19
C ARG A 284 8.98 -18.85 2.41
N ASN A 285 8.25 -19.75 1.78
CA ASN A 285 8.88 -20.79 1.02
C ASN A 285 9.53 -20.23 -0.23
N PHE A 286 8.85 -19.28 -0.88
CA PHE A 286 9.40 -18.68 -2.05
C PHE A 286 10.70 -17.99 -1.66
N ALA A 287 10.68 -17.30 -0.53
CA ALA A 287 11.88 -16.56 -0.07
C ALA A 287 13.11 -17.48 0.09
N ALA A 288 12.87 -18.74 0.45
CA ALA A 288 13.98 -19.68 0.62
C ALA A 288 14.69 -19.91 -0.70
N THR A 289 14.01 -19.67 -1.83
CA THR A 289 14.66 -19.90 -3.11
C THR A 289 15.45 -18.73 -3.62
N ILE A 290 15.41 -17.62 -2.90
CA ILE A 290 16.14 -16.44 -3.32
C ILE A 290 17.63 -16.53 -2.93
N PRO A 291 18.50 -16.44 -3.92
CA PRO A 291 19.91 -16.53 -3.54
C PRO A 291 20.42 -15.34 -2.68
N ARG A 292 20.54 -15.54 -1.37
CA ARG A 292 21.09 -14.53 -0.49
C ARG A 292 22.08 -15.33 0.35
N PRO A 293 23.29 -14.80 0.56
CA PRO A 293 24.31 -15.50 1.35
C PRO A 293 24.01 -15.44 2.83
N PHE A 294 22.76 -15.24 3.21
CA PHE A 294 22.43 -15.14 4.62
C PHE A 294 20.95 -15.28 4.86
N SER A 295 20.57 -15.19 6.13
CA SER A 295 19.18 -15.34 6.52
C SER A 295 18.80 -14.10 7.36
N VAL A 296 17.54 -13.69 7.38
CA VAL A 296 17.18 -12.53 8.21
C VAL A 296 16.00 -12.77 9.12
N ARG A 297 15.96 -12.04 10.23
CA ARG A 297 14.88 -12.12 11.21
C ARG A 297 14.72 -10.73 11.79
N TYR A 298 13.48 -10.33 11.99
CA TYR A 298 13.23 -9.03 12.58
C TYR A 298 13.03 -9.24 14.10
N ASP A 299 13.64 -8.40 14.91
CA ASP A 299 13.44 -8.50 16.38
C ASP A 299 12.62 -7.28 16.77
N PRO A 300 11.32 -7.48 16.98
CA PRO A 300 10.41 -6.39 17.35
C PRO A 300 10.76 -5.70 18.67
N TYR A 301 11.50 -6.39 19.55
CA TYR A 301 11.87 -5.77 20.82
C TYR A 301 12.85 -4.65 20.62
N THR A 302 13.78 -4.80 19.67
CA THR A 302 14.78 -3.76 19.43
C THR A 302 14.60 -3.03 18.09
N GLN A 303 13.67 -3.52 17.27
CA GLN A 303 13.43 -2.91 15.96
C GLN A 303 14.66 -2.97 15.07
N ARG A 304 15.31 -4.12 15.10
CA ARG A 304 16.51 -4.31 14.29
C ARG A 304 16.40 -5.61 13.55
N ILE A 305 17.09 -5.67 12.41
CA ILE A 305 17.13 -6.87 11.62
C ILE A 305 18.35 -7.70 12.06
N GLU A 306 18.17 -8.99 12.28
CA GLU A 306 19.27 -9.88 12.67
C GLU A 306 19.75 -10.63 11.42
N VAL A 307 21.00 -10.47 11.03
CA VAL A 307 21.49 -11.16 9.86
C VAL A 307 22.21 -12.42 10.32
N LEU A 308 21.68 -13.55 9.89
CA LEU A 308 22.21 -14.87 10.22
C LEU A 308 23.06 -15.35 9.04
FE FE B . -1.02 1.03 -3.23
C1 XDE C . 3.39 1.41 -6.08
C2 XDE C . 1.99 1.79 -6.11
C3 XDE C . 1.12 1.32 -5.07
C4 XDE C . 1.67 0.49 -4.04
C5 XDE C . 3.03 0.12 -4.04
C6 XDE C . 3.89 0.55 -5.03
O1 XDE C . -0.24 1.65 -5.00
O2 XDE C . 0.88 0.03 -3.02
O3 XDE C . 3.71 2.07 -8.40
C9 XDE C . 6.89 2.28 -5.46
N1 XDE C . 6.57 0.95 -6.14
C8 XDE C . 5.62 0.94 -7.33
C7 XDE C . 4.38 1.92 -7.16
#